data_6DG5
#
_entry.id   6DG5
#
_cell.length_a   65.125
_cell.length_b   67.914
_cell.length_c   172.084
_cell.angle_alpha   90.000
_cell.angle_beta   90.000
_cell.angle_gamma   90.000
#
_symmetry.space_group_name_H-M   'P 21 2 21'
#
loop_
_entity.id
_entity.type
_entity.pdbx_description
1 polymer Neoleukin-2/15
2 polymer 'Interleukin-2 receptor subunit beta'
3 polymer 'Cytokine receptor common subunit gamma'
4 branched 2-acetamido-2-deoxy-beta-D-glucopyranose-(1-4)-2-acetamido-2-deoxy-beta-D-glucopyranose
5 branched alpha-D-mannopyranose-(1-6)-alpha-D-mannopyranose-(1-6)-[alpha-D-mannopyranose-(1-3)]beta-D-mannopyranose-(1-4)-2-acetamido-2-deoxy-beta-D-glucopyranose-(1-4)-[alpha-L-fucopyranose-(1-6)]2-acetamido-2-deoxy-beta-D-glucopyranose
6 non-polymer 2-acetamido-2-deoxy-beta-D-glucopyranose
7 water water
#
loop_
_entity_poly.entity_id
_entity_poly.type
_entity_poly.pdbx_seq_one_letter_code
_entity_poly.pdbx_strand_id
1 'polypeptide(L)'
;GSHMPKKKIQLHAEHALYDALMILNIVKTNSPPAEEKLEDYAFNFELILEEIARLFESGDQKDEAEKAKRMKEWMKRIKT
TASEDEQEEMANAIITILQSWIFS
;
A
2 'polypeptide(L)'
;AVKNCSHLECFYNSRANVSCMWSHEEALNVTTCHVHAKSNLRHWNKTCELTLVRQASWACNLILGSFPESQSLTSVDLLD
INVVCWEEKGWRRVKTCDFHPFDNLRLVAPHSLQVLHIDTQRCNISWKVSQVSHYIEPYLEFEARRRLLGHSWEDASVLS
LKQRQQWLFLEMLIPSTSYEVQVRVKAQRNNTGTWSPWSQPLTFRTRPA
;
B
3 'polypeptide(L)'
;PLPEVQCFVFNIEYMNCTWNSSSEPQATNLTLHYRYKVSDNNTFQECSHYLFSKEITSGCQIQKEDIQLYQTFVVQLQDP
QKPQRRAVQKLNLQNLVIPRAPENLTLSNLSESQLELRWKSRHIKERCLQYLVQYRSNRDRSWTELIVNHEPRFSLPSVD
ELKRYTFRVRSRYNPICGSSQQWSKWSQPVHWGSHTVEE
;
C
#
# COMPACT_ATOMS: atom_id res chain seq x y z
N PRO A 5 11.11 -14.53 10.71
CA PRO A 5 10.38 -15.39 9.78
C PRO A 5 10.01 -14.66 8.48
N LYS A 6 9.55 -15.43 7.49
CA LYS A 6 9.25 -14.85 6.18
C LYS A 6 8.06 -13.91 6.24
N LYS A 7 7.05 -14.25 7.03
CA LYS A 7 5.89 -13.37 7.16
C LYS A 7 6.27 -12.06 7.82
N LYS A 8 7.19 -12.10 8.79
CA LYS A 8 7.59 -10.88 9.47
C LYS A 8 8.44 -9.98 8.57
N ILE A 9 9.35 -10.57 7.79
CA ILE A 9 10.20 -9.76 6.93
C ILE A 9 9.40 -9.23 5.74
N GLN A 10 8.37 -9.97 5.30
CA GLN A 10 7.51 -9.47 4.23
C GLN A 10 6.77 -8.20 4.65
N LEU A 11 6.22 -8.21 5.87
CA LEU A 11 5.52 -7.02 6.37
C LEU A 11 6.48 -5.86 6.53
N HIS A 12 7.67 -6.11 7.08
CA HIS A 12 8.64 -5.04 7.29
C HIS A 12 9.19 -4.53 5.96
N ALA A 13 9.38 -5.44 4.99
CA ALA A 13 9.90 -5.02 3.69
C ALA A 13 8.93 -4.11 2.96
N GLU A 14 7.63 -4.32 3.14
CA GLU A 14 6.66 -3.44 2.48
C GLU A 14 6.71 -2.04 3.06
N HIS A 15 6.86 -1.92 4.39
CA HIS A 15 6.97 -0.60 5.00
C HIS A 15 8.30 0.06 4.67
N ALA A 16 9.38 -0.73 4.60
CA ALA A 16 10.66 -0.19 4.17
C ALA A 16 10.59 0.32 2.74
N LEU A 17 9.80 -0.33 1.90
CA LEU A 17 9.64 0.12 0.52
C LEU A 17 8.92 1.46 0.45
N TYR A 18 7.95 1.68 1.34
CA TYR A 18 7.24 2.95 1.38
C TYR A 18 8.16 4.09 1.78
N ASP A 19 9.11 3.82 2.69
CA ASP A 19 10.12 4.82 3.02
C ASP A 19 11.04 5.07 1.84
N ALA A 20 11.51 4.00 1.19
CA ALA A 20 12.44 4.14 0.08
C ALA A 20 11.81 4.90 -1.08
N LEU A 21 10.53 4.64 -1.36
CA LEU A 21 9.85 5.36 -2.44
C LEU A 21 9.68 6.83 -2.10
N MET A 22 9.36 7.12 -0.84
CA MET A 22 9.23 8.52 -0.42
C MET A 22 10.56 9.25 -0.51
N ILE A 23 11.65 8.57 -0.14
CA ILE A 23 12.97 9.20 -0.22
C ILE A 23 13.37 9.43 -1.68
N LEU A 24 13.13 8.44 -2.54
CA LEU A 24 13.42 8.61 -3.96
C LEU A 24 12.63 9.79 -4.54
N ASN A 25 11.40 9.99 -4.08
CA ASN A 25 10.64 11.16 -4.50
C ASN A 25 11.27 12.45 -4.00
N ILE A 26 11.76 12.44 -2.76
CA ILE A 26 12.40 13.64 -2.22
C ILE A 26 13.71 13.92 -2.96
N VAL A 27 14.46 12.87 -3.30
CA VAL A 27 15.73 13.05 -4.00
C VAL A 27 15.49 13.68 -5.36
N LYS A 28 14.47 13.21 -6.08
CA LYS A 28 14.21 13.70 -7.43
C LYS A 28 13.41 15.01 -7.44
N THR A 29 13.07 15.56 -6.27
CA THR A 29 12.38 16.83 -6.20
C THR A 29 13.16 17.83 -5.35
N LYS A 37 12.45 16.43 5.46
CA LYS A 37 11.95 15.26 6.17
C LYS A 37 12.62 13.98 5.68
N LEU A 38 13.62 14.13 4.81
CA LEU A 38 14.34 12.96 4.33
C LEU A 38 15.06 12.24 5.47
N GLU A 39 15.56 13.00 6.44
CA GLU A 39 16.25 12.39 7.58
C GLU A 39 15.30 11.52 8.39
N ASP A 40 14.03 11.90 8.48
CA ASP A 40 13.06 11.11 9.22
C ASP A 40 12.77 9.79 8.50
N TYR A 41 12.57 9.86 7.17
CA TYR A 41 12.31 8.64 6.41
C TYR A 41 13.54 7.75 6.35
N ALA A 42 14.73 8.35 6.28
CA ALA A 42 15.96 7.56 6.23
C ALA A 42 16.21 6.86 7.57
N PHE A 43 16.04 7.58 8.68
CA PHE A 43 16.22 6.98 10.00
C PHE A 43 15.22 5.84 10.21
N ASN A 44 13.97 6.04 9.79
CA ASN A 44 12.98 4.97 9.86
C ASN A 44 13.36 3.80 8.96
N PHE A 45 13.89 4.10 7.77
CA PHE A 45 14.34 3.05 6.86
C PHE A 45 15.46 2.24 7.49
N GLU A 46 16.41 2.91 8.15
CA GLU A 46 17.52 2.21 8.78
C GLU A 46 17.06 1.28 9.87
N LEU A 47 16.07 1.72 10.68
CA LEU A 47 15.58 0.88 11.76
C LEU A 47 14.91 -0.38 11.25
N ILE A 48 14.14 -0.25 10.16
CA ILE A 48 13.46 -1.42 9.61
C ILE A 48 14.45 -2.40 9.01
N LEU A 49 15.45 -1.89 8.27
CA LEU A 49 16.44 -2.77 7.67
C LEU A 49 17.35 -3.41 8.72
N GLU A 50 17.56 -2.73 9.84
CA GLU A 50 18.27 -3.35 10.96
C GLU A 50 17.49 -4.56 11.47
N GLU A 51 16.18 -4.41 11.62
CA GLU A 51 15.37 -5.52 12.14
C GLU A 51 15.23 -6.63 11.10
N ILE A 52 15.16 -6.27 9.82
CA ILE A 52 15.11 -7.27 8.76
C ILE A 52 16.39 -8.11 8.76
N ALA A 53 17.53 -7.46 8.98
CA ALA A 53 18.79 -8.20 9.03
C ALA A 53 18.82 -9.16 10.20
N ARG A 54 18.34 -8.72 11.36
CA ARG A 54 18.32 -9.59 12.54
C ARG A 54 17.38 -10.77 12.33
N LEU A 55 16.22 -10.53 11.71
CA LEU A 55 15.29 -11.61 11.41
C LEU A 55 15.92 -12.61 10.46
N PHE A 56 16.68 -12.13 9.48
CA PHE A 56 17.39 -13.04 8.58
C PHE A 56 18.50 -13.79 9.31
N GLU A 57 19.19 -13.11 10.23
CA GLU A 57 20.25 -13.78 10.98
C GLU A 57 19.70 -14.87 11.87
N SER A 58 18.50 -14.68 12.42
CA SER A 58 17.88 -15.71 13.24
C SER A 58 17.40 -16.88 12.40
N GLY A 59 17.20 -16.69 11.10
CA GLY A 59 16.72 -17.74 10.24
C GLY A 59 17.80 -18.38 9.37
N ASP A 60 19.06 -18.16 9.74
CA ASP A 60 20.21 -18.79 9.09
C ASP A 60 20.29 -18.41 7.60
N GLN A 61 19.89 -17.19 7.26
CA GLN A 61 20.01 -16.66 5.90
C GLN A 61 21.03 -15.51 5.97
N LYS A 62 22.31 -15.88 6.02
CA LYS A 62 23.36 -14.87 6.19
C LYS A 62 23.48 -13.98 4.96
N ASP A 63 23.27 -14.54 3.76
CA ASP A 63 23.38 -13.75 2.55
C ASP A 63 22.29 -12.68 2.50
N GLU A 64 21.07 -13.04 2.86
CA GLU A 64 19.98 -12.07 2.86
C GLU A 64 20.20 -10.99 3.92
N ALA A 65 20.76 -11.38 5.07
CA ALA A 65 21.09 -10.39 6.10
C ALA A 65 22.21 -9.47 5.62
N GLU A 66 23.17 -10.01 4.86
CA GLU A 66 24.21 -9.16 4.29
C GLU A 66 23.65 -8.18 3.28
N LYS A 67 22.62 -8.59 2.53
CA LYS A 67 21.97 -7.66 1.61
C LYS A 67 21.27 -6.54 2.36
N ALA A 68 20.63 -6.86 3.49
CA ALA A 68 19.94 -5.84 4.26
C ALA A 68 20.91 -4.82 4.84
N LYS A 69 22.08 -5.29 5.31
CA LYS A 69 23.09 -4.36 5.82
C LYS A 69 23.67 -3.50 4.70
N ARG A 70 23.80 -4.08 3.51
CA ARG A 70 24.28 -3.32 2.36
C ARG A 70 23.31 -2.20 2.01
N MET A 71 22.02 -2.51 1.98
CA MET A 71 21.01 -1.52 1.62
C MET A 71 20.95 -0.40 2.64
N LYS A 72 21.24 -0.70 3.91
CA LYS A 72 21.28 0.34 4.93
C LYS A 72 22.42 1.32 4.67
N GLU A 73 23.55 0.81 4.18
CA GLU A 73 24.68 1.70 3.88
C GLU A 73 24.43 2.47 2.59
N TRP A 74 23.79 1.83 1.60
CA TRP A 74 23.47 2.51 0.35
C TRP A 74 22.58 3.73 0.61
N MET A 75 21.61 3.58 1.51
CA MET A 75 20.71 4.68 1.83
C MET A 75 21.48 5.87 2.40
N LYS A 76 22.49 5.59 3.23
CA LYS A 76 23.32 6.66 3.77
C LYS A 76 24.14 7.32 2.66
N ARG A 77 24.63 6.53 1.71
CA ARG A 77 25.43 7.08 0.62
C ARG A 77 24.59 7.89 -0.35
N ILE A 78 23.29 7.58 -0.44
CA ILE A 78 22.43 8.22 -1.44
C ILE A 78 22.33 9.73 -1.19
N LYS A 79 22.33 10.14 0.08
CA LYS A 79 22.24 11.55 0.40
C LYS A 79 23.52 12.32 0.05
N THR A 80 24.62 11.64 -0.23
CA THR A 80 25.87 12.30 -0.58
C THR A 80 26.47 11.81 -1.89
N THR A 81 25.79 10.95 -2.63
CA THR A 81 26.30 10.46 -3.91
C THR A 81 26.14 11.53 -4.98
N ALA A 82 27.24 11.87 -5.66
CA ALA A 82 27.22 12.96 -6.64
C ALA A 82 26.64 12.53 -7.98
N SER A 83 26.84 11.27 -8.37
CA SER A 83 26.42 10.81 -9.69
C SER A 83 24.92 10.61 -9.71
N GLU A 84 24.23 11.33 -10.60
CA GLU A 84 22.79 11.16 -10.75
C GLU A 84 22.46 9.76 -11.25
N ASP A 85 23.29 9.22 -12.13
CA ASP A 85 23.04 7.88 -12.66
C ASP A 85 23.26 6.82 -11.59
N GLU A 86 24.25 7.02 -10.71
CA GLU A 86 24.48 6.06 -9.64
C GLU A 86 23.42 6.19 -8.55
N GLN A 87 22.89 7.41 -8.33
CA GLN A 87 21.79 7.57 -7.39
C GLN A 87 20.58 6.77 -7.81
N GLU A 88 20.26 6.78 -9.10
CA GLU A 88 19.11 6.01 -9.58
C GLU A 88 19.38 4.51 -9.50
N GLU A 89 20.62 4.09 -9.76
CA GLU A 89 20.94 2.67 -9.68
C GLU A 89 20.81 2.16 -8.26
N MET A 90 21.31 2.92 -7.27
CA MET A 90 21.22 2.49 -5.89
C MET A 90 19.78 2.51 -5.39
N ALA A 91 19.00 3.50 -5.82
CA ALA A 91 17.59 3.54 -5.43
C ALA A 91 16.82 2.37 -6.03
N ASN A 92 17.05 2.08 -7.31
CA ASN A 92 16.39 0.95 -7.94
C ASN A 92 16.86 -0.37 -7.34
N ALA A 93 18.14 -0.46 -6.97
CA ALA A 93 18.65 -1.69 -6.38
C ALA A 93 17.99 -1.96 -5.03
N ILE A 94 17.81 -0.91 -4.21
CA ILE A 94 17.12 -1.07 -2.93
C ILE A 94 15.68 -1.50 -3.16
N ILE A 95 14.99 -0.82 -4.08
CA ILE A 95 13.58 -1.12 -4.33
C ILE A 95 13.43 -2.52 -4.91
N THR A 96 14.35 -2.92 -5.79
CA THR A 96 14.26 -4.25 -6.40
C THR A 96 14.37 -5.35 -5.35
N ILE A 97 15.31 -5.20 -4.42
CA ILE A 97 15.51 -6.24 -3.40
C ILE A 97 14.31 -6.32 -2.46
N LEU A 98 13.77 -5.15 -2.06
CA LEU A 98 12.61 -5.15 -1.19
C LEU A 98 11.41 -5.82 -1.85
N GLN A 99 11.24 -5.59 -3.16
CA GLN A 99 10.14 -6.24 -3.88
C GLN A 99 10.38 -7.74 -4.00
N SER A 100 11.64 -8.18 -4.00
CA SER A 100 11.91 -9.62 -4.03
C SER A 100 11.55 -10.26 -2.69
N TRP A 101 11.79 -9.55 -1.59
CA TRP A 101 11.39 -10.07 -0.28
C TRP A 101 9.88 -10.07 -0.12
N ILE A 102 9.19 -9.12 -0.72
CA ILE A 102 7.72 -9.07 -0.62
C ILE A 102 7.10 -10.15 -1.48
N PHE A 103 7.63 -10.36 -2.69
CA PHE A 103 7.06 -11.34 -3.61
C PHE A 103 7.25 -12.76 -3.09
N SER A 104 8.48 -13.13 -2.77
CA SER A 104 8.77 -14.47 -2.28
C SER A 104 8.94 -14.47 -0.76
N ALA B 1 -5.97 -2.84 23.03
CA ALA B 1 -5.53 -3.71 24.12
C ALA B 1 -4.01 -3.87 24.13
N VAL B 2 -3.41 -3.73 25.30
CA VAL B 2 -1.97 -3.80 25.47
C VAL B 2 -1.60 -5.15 26.08
N LYS B 3 -0.48 -5.71 25.62
CA LYS B 3 -0.18 -7.12 25.90
C LYS B 3 0.28 -7.35 27.33
N ASN B 4 1.24 -6.56 27.81
CA ASN B 4 1.91 -6.89 29.06
C ASN B 4 1.01 -6.56 30.26
N CYS B 5 0.40 -5.38 30.27
CA CYS B 5 -0.51 -4.98 31.35
C CYS B 5 -1.94 -5.12 30.90
N SER B 6 -2.82 -5.35 31.86
CA SER B 6 -4.16 -5.83 31.55
C SER B 6 -5.14 -4.69 31.33
N HIS B 7 -5.17 -3.74 32.24
CA HIS B 7 -6.24 -2.74 32.26
C HIS B 7 -5.94 -1.50 31.43
N LEU B 8 -4.74 -1.38 30.87
CA LEU B 8 -4.37 -0.19 30.12
C LEU B 8 -4.54 -0.44 28.63
N GLU B 9 -5.17 0.50 27.93
CA GLU B 9 -5.34 0.43 26.49
C GLU B 9 -4.79 1.71 25.86
N CYS B 10 -3.90 1.54 24.89
CA CYS B 10 -3.26 2.67 24.21
C CYS B 10 -3.47 2.55 22.70
N PHE B 11 -3.55 3.69 22.03
CA PHE B 11 -3.83 3.73 20.60
C PHE B 11 -2.91 4.72 19.92
N TYR B 12 -2.46 4.35 18.72
CA TYR B 12 -1.52 5.13 17.94
C TYR B 12 -2.20 5.60 16.66
N ASN B 13 -2.14 6.90 16.39
CA ASN B 13 -2.81 7.48 15.25
C ASN B 13 -2.05 7.30 13.94
N SER B 14 -1.01 6.45 13.94
CA SER B 14 -0.15 6.13 12.81
C SER B 14 0.77 7.28 12.42
N ARG B 15 0.80 8.37 13.18
CA ARG B 15 1.74 9.46 12.90
C ARG B 15 2.60 9.77 14.12
N ALA B 16 2.13 10.66 14.99
CA ALA B 16 2.94 11.08 16.13
C ALA B 16 2.14 11.21 17.42
N ASN B 17 1.01 10.51 17.55
CA ASN B 17 0.12 10.64 18.69
C ASN B 17 -0.20 9.26 19.23
N VAL B 18 0.06 9.06 20.52
CA VAL B 18 -0.31 7.84 21.23
C VAL B 18 -1.17 8.27 22.41
N SER B 19 -2.37 7.71 22.51
CA SER B 19 -3.33 8.05 23.56
C SER B 19 -3.63 6.82 24.39
N CYS B 20 -3.49 6.95 25.70
CA CYS B 20 -3.70 5.84 26.63
C CYS B 20 -4.83 6.16 27.58
N MET B 21 -5.62 5.15 27.92
CA MET B 21 -6.73 5.29 28.84
C MET B 21 -6.63 4.22 29.91
N TRP B 22 -6.75 4.63 31.18
CA TRP B 22 -6.59 3.74 32.32
C TRP B 22 -7.96 3.46 32.94
N SER B 23 -8.27 2.17 33.13
CA SER B 23 -9.55 1.75 33.69
C SER B 23 -9.34 1.34 35.15
N HIS B 24 -9.90 2.12 36.07
CA HIS B 24 -9.78 1.84 37.48
C HIS B 24 -11.01 1.12 38.01
N LEU B 28 -6.64 5.76 49.25
CA LEU B 28 -6.08 4.72 48.42
C LEU B 28 -5.69 5.26 47.04
N ASN B 29 -6.59 6.03 46.44
CA ASN B 29 -6.36 6.64 45.14
C ASN B 29 -5.66 7.98 45.32
N VAL B 30 -4.45 8.10 44.76
CA VAL B 30 -3.63 9.29 44.99
C VAL B 30 -4.00 10.40 44.01
N THR B 31 -3.33 11.55 44.13
CA THR B 31 -3.76 12.74 43.43
C THR B 31 -3.30 12.76 41.97
N THR B 32 -2.03 12.43 41.72
CA THR B 32 -1.45 12.58 40.39
C THR B 32 -0.86 11.26 39.91
N CYS B 33 -1.06 10.97 38.63
CA CYS B 33 -0.48 9.80 37.97
C CYS B 33 -0.03 10.20 36.57
N HIS B 34 1.08 9.62 36.13
CA HIS B 34 1.68 9.96 34.85
C HIS B 34 1.90 8.69 34.02
N VAL B 35 2.16 8.89 32.73
CA VAL B 35 2.41 7.81 31.79
C VAL B 35 3.76 8.04 31.14
N HIS B 36 4.68 7.09 31.31
CA HIS B 36 6.01 7.17 30.72
C HIS B 36 6.09 6.22 29.54
N ALA B 37 6.64 6.71 28.43
CA ALA B 37 6.83 5.91 27.22
C ALA B 37 8.25 6.08 26.72
N LYS B 38 8.93 4.97 26.47
CA LYS B 38 10.31 4.98 26.01
C LYS B 38 10.49 3.91 24.94
N SER B 39 10.85 4.34 23.74
CA SER B 39 11.06 3.42 22.62
C SER B 39 12.42 2.73 22.76
N ASN B 40 12.49 1.51 22.21
CA ASN B 40 13.74 0.76 22.26
C ASN B 40 14.73 1.26 21.21
N LEU B 41 14.22 1.64 20.03
CA LEU B 41 15.09 2.16 18.97
C LEU B 41 15.40 3.64 19.14
N ARG B 42 14.55 4.38 19.84
CA ARG B 42 14.72 5.82 20.00
C ARG B 42 15.17 6.14 21.43
N HIS B 43 15.99 7.18 21.54
CA HIS B 43 16.59 7.54 22.83
C HIS B 43 15.69 8.40 23.70
N TRP B 44 14.56 8.87 23.19
CA TRP B 44 13.76 9.80 23.97
C TRP B 44 12.86 9.06 24.96
N ASN B 45 12.21 9.85 25.81
CA ASN B 45 11.34 9.32 26.86
C ASN B 45 10.23 10.36 27.08
N LYS B 46 9.02 10.04 26.67
CA LYS B 46 7.91 10.98 26.68
C LYS B 46 6.99 10.74 27.87
N THR B 47 6.39 11.81 28.36
CA THR B 47 5.58 11.78 29.58
C THR B 47 4.33 12.64 29.41
N CYS B 48 3.28 12.28 30.15
CA CYS B 48 2.04 13.05 30.19
C CYS B 48 1.33 12.72 31.50
N GLU B 49 0.39 13.59 31.87
CA GLU B 49 -0.38 13.41 33.09
C GLU B 49 -1.78 12.91 32.77
N LEU B 50 -2.24 11.92 33.53
CA LEU B 50 -3.57 11.36 33.31
C LEU B 50 -4.65 12.31 33.83
N THR B 51 -5.72 12.45 33.05
CA THR B 51 -6.84 13.32 33.40
C THR B 51 -8.14 12.54 33.27
N LEU B 52 -9.09 12.83 34.17
CA LEU B 52 -10.35 12.10 34.21
C LEU B 52 -11.26 12.53 33.07
N VAL B 53 -11.85 11.55 32.39
CA VAL B 53 -12.79 11.80 31.30
C VAL B 53 -14.19 11.35 31.67
N ARG B 54 -14.33 10.12 32.16
CA ARG B 54 -15.61 9.61 32.64
C ARG B 54 -15.30 8.71 33.85
N GLN B 55 -16.33 8.03 34.36
CA GLN B 55 -16.17 7.23 35.56
C GLN B 55 -15.20 6.09 35.32
N ALA B 56 -14.13 6.04 36.13
CA ALA B 56 -13.09 5.01 36.05
C ALA B 56 -12.38 5.01 34.71
N SER B 57 -12.17 6.19 34.13
CA SER B 57 -11.44 6.32 32.86
C SER B 57 -10.58 7.56 32.92
N TRP B 58 -9.26 7.38 32.78
CA TRP B 58 -8.29 8.47 32.81
C TRP B 58 -7.47 8.43 31.53
N ALA B 59 -7.35 9.57 30.85
CA ALA B 59 -6.72 9.63 29.55
C ALA B 59 -5.42 10.41 29.59
N CYS B 60 -4.58 10.14 28.58
CA CYS B 60 -3.26 10.75 28.44
C CYS B 60 -2.94 10.85 26.96
N ASN B 61 -2.19 11.89 26.59
CA ASN B 61 -1.85 12.14 25.20
C ASN B 61 -0.34 12.32 25.07
N LEU B 62 0.32 11.33 24.48
CA LEU B 62 1.76 11.39 24.21
C LEU B 62 1.95 11.94 22.79
N ILE B 63 2.35 13.20 22.70
CA ILE B 63 2.63 13.83 21.41
C ILE B 63 4.09 13.58 21.08
N LEU B 64 4.34 12.71 20.10
CA LEU B 64 5.67 12.20 19.81
C LEU B 64 6.42 12.99 18.73
N GLY B 65 5.79 14.01 18.13
CA GLY B 65 6.42 14.71 17.02
C GLY B 65 6.11 16.19 17.05
N SER B 66 6.81 16.91 16.17
CA SER B 66 6.59 18.34 15.99
C SER B 66 5.53 18.62 14.94
N PHE B 67 5.49 17.81 13.85
CA PHE B 67 4.46 17.93 12.82
C PHE B 67 3.32 16.96 13.10
N PRO B 68 2.10 17.27 12.63
CA PRO B 68 1.02 16.28 12.76
C PRO B 68 1.23 15.07 11.89
N GLU B 69 1.78 15.26 10.69
CA GLU B 69 2.03 14.17 9.75
C GLU B 69 3.43 13.59 9.87
N SER B 70 4.13 13.85 10.98
CA SER B 70 5.47 13.32 11.17
C SER B 70 5.40 11.85 11.58
N GLN B 71 6.24 11.03 10.94
CA GLN B 71 6.26 9.59 11.20
C GLN B 71 7.21 9.34 12.36
N SER B 72 6.65 9.34 13.58
CA SER B 72 7.48 9.23 14.78
C SER B 72 7.81 7.78 15.12
N LEU B 73 6.98 6.83 14.69
CA LEU B 73 7.18 5.43 15.01
C LEU B 73 7.12 4.59 13.74
N THR B 74 7.67 3.38 13.81
CA THR B 74 7.71 2.45 12.70
C THR B 74 7.06 1.13 13.09
N SER B 75 7.08 0.19 12.15
CA SER B 75 6.48 -1.11 12.37
C SER B 75 7.29 -1.95 13.35
N VAL B 76 8.62 -1.75 13.39
CA VAL B 76 9.48 -2.52 14.26
C VAL B 76 9.72 -1.85 15.61
N ASP B 77 9.11 -0.69 15.84
CA ASP B 77 9.29 0.01 17.11
C ASP B 77 8.55 -0.72 18.23
N LEU B 78 9.05 -0.55 19.45
CA LEU B 78 8.43 -1.13 20.64
C LEU B 78 8.79 -0.23 21.82
N LEU B 79 7.81 0.49 22.35
CA LEU B 79 8.03 1.41 23.46
C LEU B 79 7.36 0.86 24.72
N ASP B 80 8.06 0.99 25.84
CA ASP B 80 7.58 0.50 27.13
C ASP B 80 6.73 1.59 27.78
N ILE B 81 5.44 1.32 27.95
CA ILE B 81 4.53 2.25 28.60
C ILE B 81 4.44 1.89 30.08
N ASN B 82 4.79 2.85 30.94
CA ASN B 82 4.75 2.69 32.38
C ASN B 82 3.82 3.72 32.99
N VAL B 83 3.01 3.29 33.96
CA VAL B 83 2.12 4.18 34.70
C VAL B 83 2.70 4.36 36.09
N VAL B 84 3.02 5.59 36.45
CA VAL B 84 3.57 5.92 37.75
C VAL B 84 2.64 6.91 38.44
N CYS B 85 2.45 6.70 39.74
CA CYS B 85 1.57 7.54 40.55
C CYS B 85 2.35 8.07 41.75
N TRP B 86 2.21 9.36 42.01
CA TRP B 86 2.93 10.00 43.11
C TRP B 86 2.25 9.66 44.43
N GLU B 87 3.02 9.12 45.38
CA GLU B 87 2.50 8.78 46.69
C GLU B 87 3.23 9.55 47.78
N GLU B 88 3.21 9.00 49.01
CA GLU B 88 3.84 9.71 50.12
C GLU B 88 5.35 9.75 49.96
N LYS B 89 5.95 8.66 49.50
CA LYS B 89 7.39 8.59 49.31
C LYS B 89 7.84 9.03 47.93
N GLY B 90 6.92 9.23 46.99
CA GLY B 90 7.28 9.69 45.66
C GLY B 90 6.65 8.88 44.54
N TRP B 91 7.35 8.78 43.41
CA TRP B 91 6.85 8.02 42.28
C TRP B 91 6.85 6.53 42.60
N ARG B 92 5.72 5.87 42.37
CA ARG B 92 5.60 4.42 42.51
C ARG B 92 5.09 3.85 41.20
N ARG B 93 5.80 2.87 40.67
CA ARG B 93 5.43 2.27 39.38
C ARG B 93 4.19 1.40 39.56
N VAL B 94 3.07 1.84 39.00
CA VAL B 94 1.82 1.11 39.13
C VAL B 94 1.67 0.04 38.05
N LYS B 95 1.93 0.42 36.80
CA LYS B 95 1.85 -0.51 35.68
C LYS B 95 3.08 -0.34 34.79
N THR B 96 3.43 -1.43 34.11
CA THR B 96 4.51 -1.40 33.12
C THR B 96 4.17 -2.42 32.03
N CYS B 97 4.26 -1.99 30.77
CA CYS B 97 3.82 -2.85 29.68
C CYS B 97 4.54 -2.52 28.39
N ASP B 98 4.56 -3.51 27.50
CA ASP B 98 5.05 -3.34 26.14
C ASP B 98 3.91 -2.87 25.24
N PHE B 99 4.29 -2.18 24.16
CA PHE B 99 3.30 -1.57 23.28
C PHE B 99 3.85 -1.60 21.86
N HIS B 100 3.16 -2.33 20.97
CA HIS B 100 3.52 -2.37 19.57
C HIS B 100 2.63 -1.40 18.81
N PRO B 101 3.17 -0.32 18.26
CA PRO B 101 2.31 0.78 17.78
C PRO B 101 1.43 0.41 16.60
N PHE B 102 1.96 -0.30 15.60
CA PHE B 102 1.18 -0.61 14.42
C PHE B 102 0.26 -1.80 14.60
N ASP B 103 0.25 -2.41 15.78
CA ASP B 103 -0.76 -3.40 16.15
C ASP B 103 -1.89 -2.78 16.96
N ASN B 104 -1.78 -1.49 17.30
CA ASN B 104 -2.80 -0.77 18.07
C ASN B 104 -3.08 0.55 17.36
N LEU B 105 -3.65 0.46 16.16
CA LEU B 105 -3.90 1.63 15.33
C LEU B 105 -5.34 2.08 15.47
N ARG B 106 -5.52 3.38 15.70
CA ARG B 106 -6.85 4.00 15.73
C ARG B 106 -6.71 5.37 15.08
N LEU B 107 -7.02 5.46 13.80
CA LEU B 107 -6.76 6.65 13.01
C LEU B 107 -7.66 7.81 13.45
N VAL B 108 -7.32 8.99 12.96
CA VAL B 108 -8.11 10.19 13.24
C VAL B 108 -9.38 10.17 12.40
N ALA B 109 -10.49 10.57 13.02
CA ALA B 109 -11.79 10.51 12.37
C ALA B 109 -11.78 11.33 11.07
N PRO B 110 -12.57 10.91 10.08
CA PRO B 110 -12.66 11.69 8.83
C PRO B 110 -13.27 13.06 9.09
N HIS B 111 -12.83 14.03 8.30
CA HIS B 111 -13.29 15.41 8.44
C HIS B 111 -13.67 15.96 7.07
N SER B 112 -14.06 17.23 7.04
CA SER B 112 -14.41 17.94 5.81
C SER B 112 -15.52 17.23 5.04
N LEU B 113 -16.51 16.72 5.76
CA LEU B 113 -17.66 16.12 5.10
C LEU B 113 -18.49 17.21 4.44
N GLN B 114 -18.88 16.97 3.18
CA GLN B 114 -19.71 17.93 2.47
C GLN B 114 -20.41 17.23 1.31
N VAL B 115 -21.46 17.87 0.83
CA VAL B 115 -22.26 17.36 -0.27
C VAL B 115 -21.84 18.08 -1.55
N LEU B 116 -21.40 17.33 -2.55
CA LEU B 116 -21.02 17.90 -3.83
C LEU B 116 -22.20 17.98 -4.78
N HIS B 117 -23.05 16.95 -4.81
CA HIS B 117 -24.27 16.98 -5.60
C HIS B 117 -25.40 16.42 -4.77
N ILE B 118 -26.59 16.99 -4.92
CA ILE B 118 -27.77 16.48 -4.22
C ILE B 118 -28.99 16.65 -5.13
N ASP B 119 -29.74 15.56 -5.30
CA ASP B 119 -30.90 15.54 -6.18
C ASP B 119 -32.18 15.34 -5.37
N THR B 120 -33.26 14.94 -6.03
CA THR B 120 -34.42 14.52 -5.28
C THR B 120 -34.21 13.13 -4.69
N GLN B 121 -33.40 12.30 -5.35
CA GLN B 121 -33.10 10.96 -4.86
C GLN B 121 -31.62 10.63 -4.82
N ARG B 122 -30.75 11.43 -5.42
CA ARG B 122 -29.33 11.17 -5.47
C ARG B 122 -28.57 12.16 -4.60
N CYS B 123 -27.38 11.74 -4.16
CA CYS B 123 -26.54 12.58 -3.31
C CYS B 123 -25.12 12.03 -3.23
N ASN B 124 -24.12 12.88 -3.45
CA ASN B 124 -22.71 12.51 -3.42
C ASN B 124 -22.04 13.29 -2.30
N ILE B 125 -21.43 12.57 -1.35
CA ILE B 125 -20.86 13.14 -0.14
C ILE B 125 -19.37 12.81 -0.10
N SER B 126 -18.54 13.82 0.16
CA SER B 126 -17.10 13.69 0.20
C SER B 126 -16.58 13.83 1.62
N TRP B 127 -15.33 13.44 1.82
CA TRP B 127 -14.67 13.59 3.11
C TRP B 127 -13.16 13.46 2.94
N LYS B 128 -12.42 14.27 3.68
CA LYS B 128 -10.96 14.26 3.68
C LYS B 128 -10.43 13.55 4.93
N VAL B 129 -9.19 13.10 4.84
CA VAL B 129 -8.55 12.37 5.94
C VAL B 129 -7.23 13.05 6.30
N SER B 130 -6.81 12.86 7.54
CA SER B 130 -5.58 13.44 8.05
C SER B 130 -4.84 12.42 8.92
N GLN B 131 -3.54 12.64 9.06
CA GLN B 131 -2.69 11.86 9.96
C GLN B 131 -2.71 10.36 9.59
N VAL B 132 -2.74 10.08 8.30
CA VAL B 132 -2.69 8.71 7.79
C VAL B 132 -1.27 8.46 7.28
N SER B 133 -0.63 7.44 7.83
CA SER B 133 0.76 7.15 7.48
C SER B 133 0.85 6.59 6.06
N HIS B 134 1.97 6.91 5.40
CA HIS B 134 2.27 6.27 4.13
C HIS B 134 2.44 4.76 4.29
N TYR B 135 2.80 4.31 5.49
CA TYR B 135 2.93 2.88 5.76
C TYR B 135 1.61 2.16 5.54
N ILE B 136 0.49 2.79 5.88
CA ILE B 136 -0.82 2.16 5.84
C ILE B 136 -1.78 2.84 4.87
N GLU B 137 -1.35 3.92 4.21
CA GLU B 137 -2.27 4.67 3.35
C GLU B 137 -2.92 3.84 2.25
N PRO B 138 -2.23 2.92 1.56
CA PRO B 138 -2.92 2.15 0.51
C PRO B 138 -3.98 1.19 1.04
N TYR B 139 -3.96 0.88 2.33
CA TYR B 139 -4.91 -0.07 2.92
C TYR B 139 -6.10 0.61 3.57
N LEU B 140 -6.43 1.83 3.15
CA LEU B 140 -7.52 2.57 3.78
C LEU B 140 -8.86 1.92 3.49
N GLU B 141 -9.74 1.97 4.48
CA GLU B 141 -11.09 1.39 4.38
C GLU B 141 -12.04 2.33 5.08
N PHE B 142 -13.26 2.45 4.55
CA PHE B 142 -14.22 3.40 5.06
C PHE B 142 -15.57 2.74 5.33
N GLU B 143 -16.23 3.20 6.39
CA GLU B 143 -17.57 2.76 6.75
C GLU B 143 -18.39 3.98 7.09
N ALA B 144 -19.54 4.14 6.44
CA ALA B 144 -20.44 5.25 6.69
C ALA B 144 -21.80 4.70 7.13
N ARG B 145 -22.53 5.51 7.89
CA ARG B 145 -23.89 5.15 8.31
C ARG B 145 -24.83 6.31 8.05
N ARG B 146 -25.95 6.01 7.40
CA ARG B 146 -26.97 6.99 7.04
C ARG B 146 -28.19 6.79 7.92
N ARG B 147 -28.64 7.85 8.59
CA ARG B 147 -29.80 7.78 9.46
C ARG B 147 -30.81 8.85 9.08
N LEU B 148 -32.07 8.56 9.34
CA LEU B 148 -33.15 9.53 9.16
C LEU B 148 -33.16 10.50 10.33
N LEU B 149 -33.50 11.76 10.05
CA LEU B 149 -33.53 12.75 11.13
C LEU B 149 -34.60 12.41 12.15
N GLY B 150 -34.20 12.35 13.41
CA GLY B 150 -35.05 11.93 14.50
C GLY B 150 -34.82 10.50 14.92
N HIS B 151 -34.35 9.66 14.02
CA HIS B 151 -34.10 8.25 14.32
C HIS B 151 -32.75 8.09 15.01
N SER B 152 -32.38 6.84 15.29
CA SER B 152 -31.20 6.54 16.08
C SER B 152 -30.03 6.13 15.18
N TRP B 153 -28.81 6.33 15.70
CA TRP B 153 -27.61 5.92 14.98
C TRP B 153 -27.44 4.40 15.00
N GLU B 154 -27.95 3.73 16.03
CA GLU B 154 -27.94 2.28 16.05
C GLU B 154 -28.98 1.71 15.10
N ASP B 155 -30.04 2.47 14.83
CA ASP B 155 -31.04 2.09 13.84
C ASP B 155 -30.54 2.31 12.43
N ALA B 156 -29.47 3.09 12.27
CA ALA B 156 -29.01 3.51 10.95
C ALA B 156 -28.40 2.35 10.17
N SER B 157 -28.33 2.52 8.85
CA SER B 157 -27.77 1.54 7.94
C SER B 157 -26.31 1.87 7.69
N VAL B 158 -25.43 0.92 7.97
CA VAL B 158 -23.99 1.12 7.87
C VAL B 158 -23.52 0.54 6.54
N LEU B 159 -22.90 1.39 5.72
CA LEU B 159 -22.42 1.00 4.40
C LEU B 159 -20.90 0.87 4.42
N SER B 160 -20.38 -0.15 3.77
CA SER B 160 -18.95 -0.44 3.77
C SER B 160 -18.33 -0.05 2.43
N LEU B 161 -17.22 0.67 2.50
CA LEU B 161 -16.37 0.97 1.34
C LEU B 161 -15.04 0.28 1.59
N LYS B 162 -14.91 -0.96 1.11
CA LYS B 162 -13.72 -1.76 1.35
C LYS B 162 -12.54 -1.36 0.47
N GLN B 163 -12.54 -0.13 -0.03
CA GLN B 163 -11.43 0.43 -0.79
C GLN B 163 -11.25 1.87 -0.35
N ARG B 164 -10.28 2.55 -0.94
CA ARG B 164 -10.02 3.97 -0.64
C ARG B 164 -10.79 4.80 -1.64
N GLN B 165 -11.98 5.26 -1.24
CA GLN B 165 -12.88 6.01 -2.12
C GLN B 165 -13.04 7.46 -1.69
N GLN B 166 -13.33 7.71 -0.41
CA GLN B 166 -13.49 9.06 0.13
C GLN B 166 -14.65 9.80 -0.52
N TRP B 167 -15.69 9.07 -0.91
CA TRP B 167 -16.96 9.61 -1.36
C TRP B 167 -17.94 8.47 -1.54
N LEU B 168 -19.24 8.77 -1.41
CA LEU B 168 -20.26 7.79 -1.77
C LEU B 168 -21.43 8.49 -2.46
N PHE B 169 -21.95 7.84 -3.48
CA PHE B 169 -23.11 8.32 -4.22
C PHE B 169 -24.32 7.55 -3.72
N LEU B 170 -25.22 8.25 -3.03
CA LEU B 170 -26.39 7.61 -2.42
C LEU B 170 -27.56 7.58 -3.39
N GLU B 171 -28.23 6.44 -3.47
CA GLU B 171 -29.41 6.27 -4.29
C GLU B 171 -30.59 5.91 -3.40
N MET B 172 -31.78 5.84 -4.02
CA MET B 172 -33.01 5.41 -3.34
C MET B 172 -33.32 6.29 -2.13
N LEU B 173 -33.15 7.60 -2.29
CA LEU B 173 -33.45 8.56 -1.23
C LEU B 173 -34.83 9.16 -1.43
N ILE B 174 -35.55 9.33 -0.33
CA ILE B 174 -36.91 9.89 -0.38
C ILE B 174 -36.82 11.39 -0.62
N PRO B 175 -37.63 11.96 -1.51
CA PRO B 175 -37.57 13.40 -1.75
C PRO B 175 -38.01 14.20 -0.54
N SER B 176 -37.44 15.40 -0.41
CA SER B 176 -37.72 16.31 0.70
C SER B 176 -37.63 15.60 2.04
N THR B 177 -36.50 14.93 2.26
CA THR B 177 -36.25 14.17 3.47
C THR B 177 -34.86 14.48 3.98
N SER B 178 -34.73 14.65 5.30
CA SER B 178 -33.47 15.05 5.92
C SER B 178 -32.75 13.83 6.48
N TYR B 179 -31.46 13.72 6.16
CA TYR B 179 -30.62 12.62 6.59
C TYR B 179 -29.41 13.13 7.36
N GLU B 180 -28.77 12.22 8.07
CA GLU B 180 -27.53 12.50 8.81
C GLU B 180 -26.55 11.36 8.54
N VAL B 181 -25.29 11.70 8.32
CA VAL B 181 -24.28 10.74 7.87
C VAL B 181 -23.01 10.91 8.68
N GLN B 182 -22.43 9.79 9.11
CA GLN B 182 -21.12 9.75 9.74
C GLN B 182 -20.26 8.72 9.03
N VAL B 183 -18.96 9.00 8.95
CA VAL B 183 -18.00 8.13 8.28
C VAL B 183 -16.84 7.83 9.24
N ARG B 184 -16.19 6.69 9.02
CA ARG B 184 -15.02 6.32 9.80
C ARG B 184 -14.06 5.53 8.92
N VAL B 185 -12.81 5.40 9.39
CA VAL B 185 -11.72 4.91 8.56
C VAL B 185 -10.90 3.87 9.33
N LYS B 186 -10.26 2.97 8.58
CA LYS B 186 -9.45 1.90 9.16
C LYS B 186 -8.48 1.40 8.09
N ALA B 187 -7.41 0.75 8.54
CA ALA B 187 -6.41 0.14 7.66
C ALA B 187 -6.27 -1.33 8.04
N GLN B 188 -6.69 -2.22 7.15
CA GLN B 188 -6.77 -3.65 7.47
C GLN B 188 -5.58 -4.42 6.89
N ARG B 189 -4.38 -4.01 7.31
CA ARG B 189 -3.18 -4.76 6.96
C ARG B 189 -3.14 -6.10 7.66
N ASN B 190 -3.11 -6.08 8.99
CA ASN B 190 -3.22 -7.30 9.79
C ASN B 190 -4.50 -7.34 10.62
N ASN B 191 -5.36 -6.34 10.53
CA ASN B 191 -6.64 -6.27 11.22
C ASN B 191 -6.49 -6.29 12.74
N THR B 192 -5.32 -5.97 13.25
CA THR B 192 -5.12 -5.86 14.69
C THR B 192 -5.55 -4.49 15.22
N GLY B 193 -5.74 -3.50 14.35
CA GLY B 193 -6.21 -2.19 14.79
C GLY B 193 -7.72 -2.07 14.79
N THR B 194 -8.20 -1.00 15.42
CA THR B 194 -9.62 -0.76 15.60
C THR B 194 -10.09 0.39 14.71
N TRP B 195 -11.41 0.54 14.63
CA TRP B 195 -12.00 1.59 13.80
C TRP B 195 -11.76 2.97 14.40
N SER B 196 -11.70 3.97 13.52
CA SER B 196 -11.61 5.35 13.97
C SER B 196 -12.98 5.82 14.44
N PRO B 197 -13.03 6.85 15.28
CA PRO B 197 -14.31 7.40 15.71
C PRO B 197 -15.10 7.94 14.53
N TRP B 198 -16.42 8.00 14.70
CA TRP B 198 -17.29 8.50 13.65
C TRP B 198 -17.02 9.98 13.41
N SER B 199 -17.12 10.38 12.14
CA SER B 199 -16.92 11.78 11.78
C SER B 199 -18.04 12.65 12.34
N GLN B 200 -17.79 13.95 12.38
CA GLN B 200 -18.83 14.90 12.75
C GLN B 200 -20.00 14.74 11.79
N PRO B 201 -21.20 14.45 12.27
CA PRO B 201 -22.31 14.13 11.36
C PRO B 201 -22.64 15.28 10.42
N LEU B 202 -23.02 14.91 9.20
CA LEU B 202 -23.40 15.86 8.16
C LEU B 202 -24.89 15.73 7.89
N THR B 203 -25.63 16.81 8.11
CA THR B 203 -27.07 16.83 7.93
C THR B 203 -27.42 17.46 6.59
N PHE B 204 -28.18 16.74 5.78
CA PHE B 204 -28.58 17.21 4.46
C PHE B 204 -30.00 16.79 4.17
N ARG B 205 -30.67 17.57 3.32
CA ARG B 205 -32.06 17.32 2.95
C ARG B 205 -32.18 17.27 1.43
N THR B 206 -32.91 16.28 0.93
CA THR B 206 -33.07 16.08 -0.49
C THR B 206 -34.02 17.12 -1.10
N ARG B 207 -33.88 17.34 -2.40
CA ARG B 207 -34.72 18.29 -3.10
C ARG B 207 -36.16 17.80 -3.12
N PRO B 208 -37.13 18.68 -2.88
CA PRO B 208 -38.54 18.23 -2.84
C PRO B 208 -39.03 17.78 -4.20
N ALA B 209 -40.04 16.90 -4.18
CA ALA B 209 -40.61 16.36 -5.40
C ALA B 209 -41.54 17.37 -6.06
N PRO C 1 23.74 2.05 -36.51
CA PRO C 1 22.60 2.19 -35.59
C PRO C 1 21.68 0.97 -35.59
N LEU C 2 21.62 0.27 -34.44
CA LEU C 2 20.82 -0.93 -34.29
C LEU C 2 19.51 -0.61 -33.58
N PRO C 3 18.43 -1.33 -33.93
CA PRO C 3 17.13 -1.07 -33.27
C PRO C 3 17.16 -1.45 -31.80
N GLU C 4 16.50 -0.65 -30.99
CA GLU C 4 16.45 -0.89 -29.55
C GLU C 4 15.44 -2.00 -29.25
N VAL C 5 15.89 -2.98 -28.47
CA VAL C 5 15.03 -4.10 -28.07
C VAL C 5 14.06 -3.63 -27.00
N GLN C 6 12.80 -4.05 -27.12
CA GLN C 6 11.76 -3.71 -26.15
C GLN C 6 11.19 -5.00 -25.60
N CYS C 7 11.38 -5.23 -24.30
CA CYS C 7 10.98 -6.46 -23.63
C CYS C 7 9.75 -6.22 -22.76
N PHE C 8 8.88 -7.22 -22.69
CA PHE C 8 7.72 -7.18 -21.81
C PHE C 8 7.46 -8.56 -21.25
N VAL C 9 7.37 -8.65 -19.93
CA VAL C 9 7.05 -9.90 -19.24
C VAL C 9 5.54 -9.99 -19.11
N PHE C 10 4.95 -11.02 -19.72
CA PHE C 10 3.50 -11.16 -19.76
C PHE C 10 3.05 -12.11 -18.66
N ASN C 11 2.39 -11.57 -17.64
CA ASN C 11 1.80 -12.35 -16.56
C ASN C 11 2.82 -13.29 -15.92
N ILE C 12 4.08 -12.84 -15.88
CA ILE C 12 5.26 -13.61 -15.51
C ILE C 12 5.15 -15.07 -15.97
N GLU C 13 4.71 -15.25 -17.22
CA GLU C 13 4.67 -16.55 -17.85
C GLU C 13 5.69 -16.69 -18.98
N TYR C 14 5.88 -15.64 -19.78
CA TYR C 14 6.88 -15.65 -20.84
C TYR C 14 7.21 -14.20 -21.19
N MET C 15 8.42 -14.01 -21.71
CA MET C 15 8.95 -12.68 -22.00
C MET C 15 9.20 -12.57 -23.50
N ASN C 16 8.64 -11.52 -24.12
CA ASN C 16 8.79 -11.29 -25.55
C ASN C 16 9.59 -10.02 -25.76
N CYS C 17 10.85 -10.18 -26.16
CA CYS C 17 11.72 -9.07 -26.53
C CYS C 17 11.73 -8.95 -28.05
N THR C 18 11.48 -7.74 -28.55
CA THR C 18 11.38 -7.52 -29.98
C THR C 18 12.13 -6.25 -30.38
N TRP C 19 12.59 -6.23 -31.63
CA TRP C 19 13.24 -5.08 -32.23
C TRP C 19 12.67 -4.82 -33.62
N ASN C 20 12.82 -3.58 -34.08
CA ASN C 20 12.20 -3.14 -35.33
C ASN C 20 13.17 -3.43 -36.46
N SER C 21 12.85 -4.44 -37.26
CA SER C 21 13.76 -4.85 -38.34
C SER C 21 13.64 -3.94 -39.55
N SER C 22 12.63 -3.08 -39.60
CA SER C 22 12.45 -2.21 -40.74
C SER C 22 13.40 -1.00 -40.71
N SER C 23 14.14 -0.81 -39.62
CA SER C 23 15.03 0.34 -39.52
C SER C 23 16.25 0.18 -40.42
N GLU C 24 16.65 -1.06 -40.70
CA GLU C 24 17.82 -1.29 -41.54
C GLU C 24 17.41 -1.42 -43.00
N PRO C 25 18.24 -0.93 -43.94
CA PRO C 25 17.89 -1.08 -45.36
C PRO C 25 17.90 -2.53 -45.82
N GLN C 26 18.81 -3.33 -45.29
CA GLN C 26 18.87 -4.76 -45.58
C GLN C 26 18.79 -5.53 -44.26
N ALA C 27 17.91 -6.54 -44.24
CA ALA C 27 17.70 -7.33 -43.02
C ALA C 27 18.96 -8.13 -42.72
N THR C 28 19.64 -7.75 -41.63
CA THR C 28 20.92 -8.36 -41.28
C THR C 28 20.78 -9.55 -40.34
N ASN C 29 19.57 -9.86 -39.88
CA ASN C 29 19.28 -11.06 -39.09
C ASN C 29 20.11 -11.06 -37.80
N LEU C 30 19.70 -10.19 -36.88
CA LEU C 30 20.45 -9.97 -35.65
C LEU C 30 20.26 -11.13 -34.68
N THR C 31 21.14 -11.17 -33.68
CA THR C 31 21.14 -12.23 -32.67
C THR C 31 21.07 -11.62 -31.27
N LEU C 32 20.31 -12.26 -30.38
CA LEU C 32 20.06 -11.75 -29.05
C LEU C 32 20.64 -12.70 -28.01
N HIS C 33 21.38 -12.15 -27.05
CA HIS C 33 21.97 -12.90 -25.95
C HIS C 33 21.67 -12.18 -24.64
N TYR C 34 21.47 -12.96 -23.57
CA TYR C 34 21.08 -12.38 -22.30
C TYR C 34 21.78 -13.08 -21.14
N ARG C 35 21.87 -12.36 -20.03
CA ARG C 35 22.40 -12.89 -18.78
C ARG C 35 21.86 -12.04 -17.64
N TYR C 36 22.17 -12.43 -16.42
CA TYR C 36 21.65 -11.75 -15.23
C TYR C 36 22.78 -11.24 -14.36
N LYS C 37 22.53 -10.13 -13.68
CA LYS C 37 23.50 -9.49 -12.79
C LYS C 37 23.55 -10.26 -11.47
N VAL C 38 24.22 -11.41 -11.50
CA VAL C 38 24.44 -12.22 -10.33
C VAL C 38 25.86 -12.77 -10.40
N SER C 39 26.56 -12.76 -9.27
CA SER C 39 27.99 -13.05 -9.26
C SER C 39 28.24 -14.56 -9.26
N ASP C 40 29.34 -14.96 -9.92
CA ASP C 40 29.83 -16.33 -10.06
C ASP C 40 28.92 -17.22 -10.89
N ASN C 41 27.80 -16.71 -11.39
CA ASN C 41 26.92 -17.41 -12.32
C ASN C 41 26.61 -16.51 -13.51
N ASN C 42 27.59 -15.71 -13.92
CA ASN C 42 27.40 -14.69 -14.94
C ASN C 42 28.09 -15.11 -16.23
N THR C 43 27.29 -15.34 -17.27
CA THR C 43 27.76 -15.58 -18.63
C THR C 43 26.55 -15.51 -19.55
N PHE C 44 26.77 -15.08 -20.79
CA PHE C 44 25.65 -14.86 -21.69
C PHE C 44 25.10 -16.18 -22.22
N GLN C 45 23.85 -16.13 -22.67
CA GLN C 45 23.17 -17.29 -23.23
C GLN C 45 22.36 -16.84 -24.44
N GLU C 46 22.55 -17.53 -25.56
CA GLU C 46 21.85 -17.16 -26.79
C GLU C 46 20.37 -17.49 -26.67
N CYS C 47 19.55 -16.67 -27.32
CA CYS C 47 18.10 -16.87 -27.30
C CYS C 47 17.74 -18.23 -27.85
N SER C 48 16.92 -18.96 -27.09
CA SER C 48 16.53 -20.31 -27.51
C SER C 48 15.39 -20.31 -28.51
N HIS C 49 14.47 -19.35 -28.40
CA HIS C 49 13.29 -19.29 -29.27
C HIS C 49 13.21 -17.89 -29.88
N TYR C 50 13.67 -17.76 -31.13
CA TYR C 50 13.63 -16.48 -31.82
C TYR C 50 12.26 -16.23 -32.43
N LEU C 51 11.87 -14.96 -32.46
CA LEU C 51 10.69 -14.52 -33.19
C LEU C 51 11.11 -14.09 -34.59
N PHE C 52 10.18 -14.17 -35.54
CA PHE C 52 10.52 -14.00 -36.94
C PHE C 52 9.58 -13.03 -37.65
N SER C 53 10.15 -12.22 -38.53
CA SER C 53 9.42 -11.34 -39.42
C SER C 53 10.01 -11.50 -40.82
N LYS C 54 9.25 -12.12 -41.71
CA LYS C 54 9.69 -12.40 -43.09
C LYS C 54 10.95 -13.26 -43.09
N GLU C 55 10.90 -14.34 -42.31
CA GLU C 55 12.00 -15.31 -42.21
C GLU C 55 13.29 -14.68 -41.67
N ILE C 56 13.18 -13.51 -41.05
CA ILE C 56 14.31 -12.85 -40.39
C ILE C 56 13.91 -12.58 -38.95
N THR C 57 14.86 -12.75 -38.03
CA THR C 57 14.59 -12.60 -36.60
C THR C 57 13.95 -11.26 -36.27
N SER C 58 12.69 -11.30 -35.84
CA SER C 58 11.98 -10.12 -35.36
C SER C 58 12.21 -9.87 -33.88
N GLY C 59 12.38 -10.93 -33.09
CA GLY C 59 12.59 -10.78 -31.66
C GLY C 59 13.02 -12.07 -30.97
N CYS C 60 12.69 -12.21 -29.69
CA CYS C 60 13.08 -13.37 -28.92
C CYS C 60 12.05 -13.62 -27.83
N GLN C 61 11.79 -14.89 -27.54
CA GLN C 61 10.86 -15.28 -26.48
C GLN C 61 11.61 -16.08 -25.42
N ILE C 62 11.43 -15.68 -24.17
CA ILE C 62 12.11 -16.29 -23.04
C ILE C 62 11.06 -16.90 -22.12
N GLN C 63 11.19 -18.19 -21.85
CA GLN C 63 10.19 -18.89 -21.05
C GLN C 63 10.43 -18.65 -19.56
N LYS C 64 9.42 -19.01 -18.76
CA LYS C 64 9.48 -18.75 -17.32
C LYS C 64 10.67 -19.44 -16.67
N GLU C 65 11.18 -20.52 -17.27
CA GLU C 65 12.33 -21.20 -16.70
C GLU C 65 13.55 -20.30 -16.68
N ASP C 66 13.66 -19.39 -17.65
CA ASP C 66 14.80 -18.49 -17.76
C ASP C 66 14.47 -17.07 -17.33
N ILE C 67 13.48 -16.89 -16.46
CA ILE C 67 13.04 -15.57 -16.01
C ILE C 67 13.33 -15.44 -14.52
N GLN C 68 14.16 -14.47 -14.17
CA GLN C 68 14.40 -14.09 -12.78
C GLN C 68 14.06 -12.61 -12.65
N LEU C 69 12.93 -12.31 -12.01
CA LEU C 69 12.40 -10.96 -12.01
C LEU C 69 13.33 -9.99 -11.29
N TYR C 70 13.83 -10.38 -10.13
CA TYR C 70 14.53 -9.46 -9.24
C TYR C 70 16.05 -9.60 -9.34
N GLN C 71 16.55 -10.01 -10.49
CA GLN C 71 17.96 -9.96 -10.82
C GLN C 71 18.09 -9.21 -12.14
N THR C 72 18.95 -8.19 -12.16
CA THR C 72 19.02 -7.28 -13.30
C THR C 72 19.29 -8.04 -14.59
N PHE C 73 18.44 -7.83 -15.58
CA PHE C 73 18.46 -8.56 -16.84
C PHE C 73 19.26 -7.75 -17.87
N VAL C 74 20.33 -8.35 -18.38
CA VAL C 74 21.22 -7.69 -19.34
C VAL C 74 21.02 -8.37 -20.68
N VAL C 75 20.36 -7.68 -21.60
CA VAL C 75 20.10 -8.19 -22.95
C VAL C 75 21.07 -7.51 -23.91
N GLN C 76 21.56 -8.27 -24.89
CA GLN C 76 22.54 -7.78 -25.85
C GLN C 76 22.13 -8.19 -27.26
N LEU C 77 21.86 -7.21 -28.10
CA LEU C 77 21.61 -7.43 -29.52
C LEU C 77 22.91 -7.26 -30.29
N GLN C 78 23.12 -8.09 -31.31
CA GLN C 78 24.39 -8.10 -32.01
C GLN C 78 24.17 -8.55 -33.46
N ASP C 79 25.04 -8.07 -34.34
CA ASP C 79 25.04 -8.52 -35.72
C ASP C 79 26.00 -9.69 -35.87
N PRO C 80 25.54 -10.87 -36.34
CA PRO C 80 26.45 -12.01 -36.42
C PRO C 80 27.58 -11.81 -37.43
N GLN C 81 27.34 -11.07 -38.51
CA GLN C 81 28.40 -10.85 -39.49
C GLN C 81 29.44 -9.87 -38.97
N LYS C 82 28.99 -8.74 -38.42
CA LYS C 82 29.89 -7.73 -37.85
C LYS C 82 29.75 -7.75 -36.33
N PRO C 83 30.66 -8.39 -35.60
CA PRO C 83 30.48 -8.52 -34.15
C PRO C 83 30.60 -7.19 -33.40
N GLN C 84 31.41 -6.25 -33.89
CA GLN C 84 31.55 -4.95 -33.23
C GLN C 84 30.26 -4.15 -33.25
N ARG C 85 29.29 -4.58 -34.06
CA ARG C 85 28.00 -3.90 -34.20
C ARG C 85 27.02 -4.55 -33.21
N ARG C 86 27.06 -4.09 -31.96
CA ARG C 86 26.25 -4.67 -30.91
C ARG C 86 25.65 -3.58 -30.03
N ALA C 87 24.54 -3.91 -29.38
CA ALA C 87 23.85 -2.99 -28.49
C ALA C 87 23.44 -3.71 -27.22
N VAL C 88 23.72 -3.08 -26.07
CA VAL C 88 23.46 -3.70 -24.77
C VAL C 88 22.43 -2.85 -24.03
N GLN C 89 21.62 -3.52 -23.20
CA GLN C 89 20.60 -2.84 -22.43
C GLN C 89 20.49 -3.46 -21.05
N LYS C 90 20.17 -2.61 -20.08
CA LYS C 90 20.02 -2.99 -18.67
C LYS C 90 18.55 -2.85 -18.30
N LEU C 91 17.91 -3.96 -17.92
CA LEU C 91 16.47 -3.99 -17.74
C LEU C 91 16.12 -4.53 -16.36
N ASN C 92 15.24 -3.81 -15.66
CA ASN C 92 14.63 -4.30 -14.41
C ASN C 92 13.32 -4.98 -14.77
N LEU C 93 13.29 -6.31 -14.63
CA LEU C 93 12.17 -7.07 -15.17
C LEU C 93 10.88 -6.85 -14.41
N GLN C 94 10.96 -6.63 -13.10
CA GLN C 94 9.73 -6.48 -12.31
C GLN C 94 8.99 -5.19 -12.63
N ASN C 95 9.64 -4.24 -13.31
CA ASN C 95 8.99 -3.02 -13.77
C ASN C 95 8.47 -3.12 -15.19
N LEU C 96 8.59 -4.30 -15.82
CA LEU C 96 8.14 -4.50 -17.19
C LEU C 96 7.09 -5.60 -17.30
N VAL C 97 6.37 -5.86 -16.22
CA VAL C 97 5.40 -6.94 -16.19
C VAL C 97 4.03 -6.41 -16.60
N ILE C 98 3.40 -7.10 -17.54
CA ILE C 98 2.04 -6.82 -17.97
C ILE C 98 1.19 -8.01 -17.57
N PRO C 99 0.18 -7.84 -16.72
CA PRO C 99 -0.61 -8.98 -16.24
C PRO C 99 -1.67 -9.38 -17.25
N ARG C 100 -2.23 -10.57 -17.03
CA ARG C 100 -3.34 -11.07 -17.83
C ARG C 100 -4.64 -10.59 -17.20
N ALA C 101 -5.60 -10.24 -18.04
CA ALA C 101 -6.83 -9.61 -17.60
C ALA C 101 -7.50 -10.43 -16.48
N PRO C 102 -7.99 -9.79 -15.42
CA PRO C 102 -8.62 -10.55 -14.34
C PRO C 102 -9.85 -11.29 -14.82
N GLU C 103 -10.09 -12.44 -14.22
CA GLU C 103 -11.17 -13.33 -14.63
C GLU C 103 -12.00 -13.73 -13.44
N ASN C 104 -13.10 -14.44 -13.73
CA ASN C 104 -14.02 -14.97 -12.71
C ASN C 104 -14.58 -13.86 -11.83
N LEU C 105 -15.06 -12.79 -12.46
CA LEU C 105 -15.70 -11.71 -11.73
C LEU C 105 -17.05 -12.17 -11.19
N THR C 106 -17.34 -11.83 -9.94
CA THR C 106 -18.56 -12.26 -9.28
C THR C 106 -19.15 -11.08 -8.50
N LEU C 107 -20.44 -10.84 -8.70
CA LEU C 107 -21.18 -9.86 -7.93
C LEU C 107 -22.01 -10.55 -6.87
N SER C 108 -21.99 -10.00 -5.66
CA SER C 108 -22.69 -10.59 -4.53
C SER C 108 -23.45 -9.51 -3.77
N ASN C 109 -24.60 -9.89 -3.20
CA ASN C 109 -25.45 -8.97 -2.47
C ASN C 109 -25.04 -9.00 -1.01
N LEU C 110 -24.15 -8.06 -0.65
CA LEU C 110 -23.70 -7.94 0.74
C LEU C 110 -24.85 -7.48 1.65
N SER C 111 -25.75 -6.66 1.11
CA SER C 111 -26.93 -6.21 1.82
C SER C 111 -27.95 -5.81 0.77
N GLU C 112 -29.18 -5.53 1.22
CA GLU C 112 -30.18 -5.02 0.29
C GLU C 112 -29.77 -3.69 -0.33
N SER C 113 -28.86 -2.96 0.32
CA SER C 113 -28.42 -1.66 -0.14
C SER C 113 -27.18 -1.76 -1.02
N GLN C 114 -26.23 -2.61 -0.66
CA GLN C 114 -24.91 -2.63 -1.27
C GLN C 114 -24.61 -3.98 -1.89
N LEU C 115 -23.77 -3.97 -2.93
CA LEU C 115 -23.29 -5.18 -3.57
C LEU C 115 -21.78 -5.14 -3.69
N GLU C 116 -21.17 -6.33 -3.72
CA GLU C 116 -19.72 -6.48 -3.71
C GLU C 116 -19.25 -7.18 -4.97
N LEU C 117 -18.08 -6.77 -5.46
CA LEU C 117 -17.49 -7.32 -6.67
C LEU C 117 -16.17 -8.00 -6.31
N ARG C 118 -15.99 -9.24 -6.77
CA ARG C 118 -14.78 -10.00 -6.51
C ARG C 118 -14.28 -10.66 -7.78
N TRP C 119 -12.96 -10.63 -7.97
CA TRP C 119 -12.32 -11.20 -9.16
C TRP C 119 -11.08 -11.97 -8.71
N LYS C 120 -10.39 -12.60 -9.66
CA LYS C 120 -9.21 -13.39 -9.35
C LYS C 120 -8.15 -13.17 -10.41
N SER C 121 -6.93 -13.63 -10.11
CA SER C 121 -5.78 -13.49 -10.98
C SER C 121 -5.28 -14.86 -11.39
N ARG C 122 -4.85 -14.99 -12.65
CA ARG C 122 -4.53 -16.29 -13.21
C ARG C 122 -3.20 -16.82 -12.64
N HIS C 123 -2.11 -16.13 -12.91
CA HIS C 123 -0.77 -16.59 -12.53
C HIS C 123 -0.17 -15.78 -11.39
N ILE C 124 -0.29 -14.45 -11.43
CA ILE C 124 0.35 -13.61 -10.43
C ILE C 124 -0.42 -13.67 -9.13
N LYS C 125 0.30 -13.55 -8.01
CA LYS C 125 -0.33 -13.51 -6.70
C LYS C 125 -1.21 -12.27 -6.57
N GLU C 126 -2.31 -12.41 -5.83
CA GLU C 126 -3.19 -11.27 -5.61
C GLU C 126 -2.54 -10.18 -4.78
N ARG C 127 -1.64 -10.56 -3.86
CA ARG C 127 -0.95 -9.57 -3.05
C ARG C 127 -0.18 -8.58 -3.92
N CYS C 128 0.36 -9.05 -5.04
CA CYS C 128 1.25 -8.25 -5.86
C CYS C 128 0.51 -7.23 -6.72
N LEU C 129 -0.74 -7.52 -7.10
CA LEU C 129 -1.40 -6.76 -8.15
C LEU C 129 -2.16 -5.57 -7.59
N GLN C 130 -2.41 -4.61 -8.47
CA GLN C 130 -3.12 -3.37 -8.17
C GLN C 130 -4.20 -3.21 -9.22
N TYR C 131 -5.46 -3.07 -8.78
CA TYR C 131 -6.60 -3.14 -9.67
C TYR C 131 -7.24 -1.76 -9.86
N LEU C 132 -7.92 -1.62 -10.99
CA LEU C 132 -8.63 -0.39 -11.35
C LEU C 132 -10.03 -0.77 -11.79
N VAL C 133 -11.03 -0.45 -10.96
CA VAL C 133 -12.41 -0.84 -11.22
C VAL C 133 -13.12 0.28 -11.96
N GLN C 134 -13.96 -0.09 -12.93
CA GLN C 134 -14.76 0.86 -13.69
C GLN C 134 -16.20 0.39 -13.72
N TYR C 135 -17.13 1.27 -13.33
CA TYR C 135 -18.54 0.93 -13.34
C TYR C 135 -19.36 2.12 -13.83
N ARG C 136 -20.43 1.83 -14.57
CA ARG C 136 -21.34 2.86 -15.05
C ARG C 136 -22.74 2.29 -15.11
N SER C 137 -23.73 3.18 -15.11
CA SER C 137 -25.13 2.81 -14.94
C SER C 137 -25.83 2.71 -16.29
N ASN C 138 -27.16 2.54 -16.24
CA ASN C 138 -27.96 2.44 -17.46
C ASN C 138 -27.91 3.73 -18.28
N ARG C 139 -27.54 4.85 -17.66
CA ARG C 139 -27.46 6.12 -18.36
C ARG C 139 -26.37 6.14 -19.42
N ASP C 140 -25.49 5.12 -19.45
CA ASP C 140 -24.34 5.07 -20.36
C ASP C 140 -23.44 6.28 -20.17
N ARG C 141 -23.41 6.81 -18.95
CA ARG C 141 -22.56 7.94 -18.63
C ARG C 141 -21.10 7.50 -18.65
N SER C 142 -20.20 8.45 -18.43
CA SER C 142 -18.78 8.15 -18.40
C SER C 142 -18.46 7.19 -17.26
N TRP C 143 -17.45 6.35 -17.47
CA TRP C 143 -17.05 5.38 -16.46
C TRP C 143 -16.58 6.09 -15.20
N THR C 144 -17.00 5.57 -14.05
CA THR C 144 -16.52 6.04 -12.76
C THR C 144 -15.48 5.05 -12.27
N GLU C 145 -14.22 5.47 -12.24
CA GLU C 145 -13.09 4.61 -11.97
C GLU C 145 -12.45 4.95 -10.63
N LEU C 146 -11.91 3.93 -9.98
CA LEU C 146 -11.15 4.11 -8.75
C LEU C 146 -10.33 2.85 -8.50
N ILE C 147 -9.16 3.03 -7.88
CA ILE C 147 -8.16 1.98 -7.76
C ILE C 147 -8.31 1.26 -6.43
N VAL C 148 -8.23 -0.08 -6.49
CA VAL C 148 -8.22 -0.94 -5.32
C VAL C 148 -6.86 -1.60 -5.21
N ASN C 149 -6.31 -1.66 -4.00
CA ASN C 149 -4.92 -2.04 -3.78
C ASN C 149 -4.85 -3.41 -3.12
N HIS C 150 -4.33 -4.39 -3.86
CA HIS C 150 -3.82 -5.66 -3.35
C HIS C 150 -4.90 -6.56 -2.74
N GLU C 151 -6.17 -6.20 -2.86
CA GLU C 151 -7.26 -7.05 -2.41
C GLU C 151 -8.28 -7.11 -3.54
N PRO C 152 -8.59 -8.29 -4.08
CA PRO C 152 -9.52 -8.38 -5.21
C PRO C 152 -10.98 -8.31 -4.79
N ARG C 153 -11.36 -7.19 -4.18
CA ARG C 153 -12.76 -6.96 -3.85
C ARG C 153 -13.05 -5.47 -3.93
N PHE C 154 -14.25 -5.15 -4.43
CA PHE C 154 -14.70 -3.78 -4.64
C PHE C 154 -16.11 -3.65 -4.08
N SER C 155 -16.39 -2.50 -3.46
CA SER C 155 -17.66 -2.28 -2.78
C SER C 155 -18.43 -1.16 -3.44
N LEU C 156 -19.74 -1.37 -3.61
CA LEU C 156 -20.66 -0.34 -4.10
C LEU C 156 -21.71 -0.13 -3.01
N PRO C 157 -21.53 0.86 -2.15
CA PRO C 157 -22.38 0.97 -0.95
C PRO C 157 -23.85 1.26 -1.25
N SER C 158 -24.15 2.03 -2.30
CA SER C 158 -25.53 2.38 -2.63
C SER C 158 -25.77 2.14 -4.11
N VAL C 159 -26.85 1.42 -4.43
CA VAL C 159 -27.18 1.09 -5.81
C VAL C 159 -28.62 1.51 -6.10
N ASP C 160 -28.88 1.81 -7.36
CA ASP C 160 -30.21 2.14 -7.85
C ASP C 160 -30.82 0.90 -8.47
N GLU C 161 -31.96 0.46 -7.94
CA GLU C 161 -32.58 -0.76 -8.45
C GLU C 161 -33.04 -0.59 -9.89
N LEU C 162 -33.48 0.62 -10.26
CA LEU C 162 -33.98 0.84 -11.61
C LEU C 162 -32.84 0.86 -12.63
N LYS C 163 -31.69 1.42 -12.24
CA LYS C 163 -30.56 1.52 -13.16
C LYS C 163 -29.84 0.18 -13.29
N ARG C 164 -29.24 -0.04 -14.45
CA ARG C 164 -28.51 -1.26 -14.75
C ARG C 164 -27.01 -0.96 -14.76
N TYR C 165 -26.26 -1.63 -13.90
CA TYR C 165 -24.85 -1.35 -13.71
C TYR C 165 -23.97 -2.33 -14.49
N THR C 166 -22.79 -1.85 -14.88
CA THR C 166 -21.79 -2.65 -15.58
C THR C 166 -20.48 -2.53 -14.82
N PHE C 167 -19.66 -3.58 -14.89
CA PHE C 167 -18.42 -3.63 -14.12
C PHE C 167 -17.29 -4.24 -14.96
N ARG C 168 -16.10 -3.66 -14.83
CA ARG C 168 -14.90 -4.21 -15.44
C ARG C 168 -13.69 -3.71 -14.66
N VAL C 169 -12.66 -4.56 -14.57
CA VAL C 169 -11.46 -4.25 -13.79
C VAL C 169 -10.23 -4.65 -14.61
N ARG C 170 -9.10 -4.01 -14.27
CA ARG C 170 -7.81 -4.37 -14.85
C ARG C 170 -6.73 -4.19 -13.81
N SER C 171 -5.66 -4.98 -13.94
CA SER C 171 -4.63 -5.11 -12.92
C SER C 171 -3.32 -4.49 -13.36
N ARG C 172 -2.38 -4.40 -12.42
CA ARG C 172 -1.07 -3.82 -12.66
C ARG C 172 -0.10 -4.32 -11.61
N TYR C 173 1.14 -4.59 -12.03
CA TYR C 173 2.17 -5.17 -11.17
C TYR C 173 2.93 -4.02 -10.48
N ASN C 174 2.25 -3.41 -9.52
CA ASN C 174 2.72 -2.19 -8.85
C ASN C 174 2.00 -2.05 -7.53
N PRO C 175 2.64 -1.53 -6.48
CA PRO C 175 4.03 -1.10 -6.35
C PRO C 175 4.90 -1.96 -5.43
N ILE C 176 4.33 -2.98 -4.80
CA ILE C 176 5.06 -3.70 -3.75
C ILE C 176 5.85 -4.89 -4.29
N CYS C 177 5.40 -5.52 -5.37
CA CYS C 177 6.16 -6.59 -6.00
C CYS C 177 6.90 -6.12 -7.25
N GLY C 178 6.40 -5.08 -7.91
CA GLY C 178 7.09 -4.48 -9.03
C GLY C 178 6.68 -3.03 -9.14
N SER C 179 7.28 -2.34 -10.09
CA SER C 179 6.97 -0.94 -10.35
C SER C 179 6.48 -0.76 -11.78
N SER C 180 5.75 -1.74 -12.29
CA SER C 180 5.25 -1.68 -13.65
C SER C 180 4.13 -0.65 -13.77
N GLN C 181 4.14 0.11 -14.87
CA GLN C 181 3.16 1.16 -15.08
C GLN C 181 2.08 0.79 -16.08
N GLN C 182 2.30 -0.23 -16.89
CA GLN C 182 1.34 -0.63 -17.91
C GLN C 182 0.17 -1.39 -17.28
N TRP C 183 -1.04 -0.96 -17.59
CA TRP C 183 -2.25 -1.64 -17.12
C TRP C 183 -2.57 -2.82 -18.03
N SER C 184 -3.18 -3.85 -17.44
CA SER C 184 -3.56 -5.03 -18.20
C SER C 184 -4.80 -4.73 -19.05
N LYS C 185 -5.10 -5.64 -19.97
CA LYS C 185 -6.31 -5.53 -20.76
C LYS C 185 -7.54 -5.65 -19.86
N TRP C 186 -8.65 -5.09 -20.31
CA TRP C 186 -9.86 -5.06 -19.50
C TRP C 186 -10.48 -6.45 -19.39
N SER C 187 -11.08 -6.71 -18.23
CA SER C 187 -11.78 -7.96 -18.02
C SER C 187 -13.11 -7.96 -18.78
N GLN C 188 -13.70 -9.14 -18.88
CA GLN C 188 -15.02 -9.25 -19.51
C GLN C 188 -16.05 -8.56 -18.61
N PRO C 189 -16.89 -7.69 -19.16
CA PRO C 189 -17.82 -6.93 -18.31
C PRO C 189 -18.83 -7.84 -17.62
N VAL C 190 -19.21 -7.44 -16.41
CA VAL C 190 -20.21 -8.13 -15.61
C VAL C 190 -21.31 -7.13 -15.26
N HIS C 191 -22.56 -7.52 -15.46
CA HIS C 191 -23.68 -6.61 -15.35
C HIS C 191 -24.57 -6.98 -14.16
N TRP C 192 -25.30 -5.99 -13.67
CA TRP C 192 -26.26 -6.18 -12.59
C TRP C 192 -27.46 -5.28 -12.83
N GLY C 193 -28.64 -5.89 -12.92
CA GLY C 193 -29.86 -5.14 -13.16
C GLY C 193 -30.85 -5.87 -14.06
#